data_3QVK
#
_entry.id   3QVK
#
_cell.length_a   124.896
_cell.length_b   124.896
_cell.length_c   126.972
_cell.angle_alpha   90.000
_cell.angle_beta   90.000
_cell.angle_gamma   120.000
#
_symmetry.space_group_name_H-M   'P 63 2 2'
#
loop_
_entity.id
_entity.type
_entity.pdbx_description
1 polymer 'Putative hydantoin racemase'
2 non-polymer 1-(2,5-DIOXO-2,5-DIHYDRO-1H-IMIDAZOL-4-YL)UREA
3 water water
#
_entity_poly.entity_id   1
_entity_poly.type   'polypeptide(L)'
_entity_poly.pdbx_seq_one_letter_code
;SVRIQVINPNTSLAMTETIGAAARAVAAPGTEILAVCPRAGVPSIEGHFDEAIAAVGVLEQIRAGREQGVDGHVIASFGD
PGLLAARELAQGPVIGIAEAAMHMATMVATRFSIVTTLPRTLIIARHLLHQYGFHQHCAALHAIDLPVLALEDGSGLAQE
KVRERCIRALKEDGSGAIVLGSGGMATLAQQLTRELRVPVIDGVSAAVKMVESLVALGLATSKHGDLAFPEKKALSGQFQ
SLNPF
;
_entity_poly.pdbx_strand_id   A,B
#
# COMPACT_ATOMS: atom_id res chain seq x y z
N SER A 1 -25.40 -0.48 30.16
CA SER A 1 -24.17 -0.54 29.32
C SER A 1 -24.18 0.53 28.23
N VAL A 2 -23.00 0.97 27.84
CA VAL A 2 -22.84 2.00 26.80
C VAL A 2 -22.18 1.38 25.57
N ARG A 3 -22.81 1.54 24.41
CA ARG A 3 -22.26 1.05 23.15
C ARG A 3 -21.91 2.20 22.21
N ILE A 4 -20.63 2.29 21.86
CA ILE A 4 -20.14 3.37 21.00
C ILE A 4 -19.61 2.80 19.69
N GLN A 5 -20.20 3.25 18.58
CA GLN A 5 -19.77 2.87 17.25
C GLN A 5 -18.63 3.78 16.79
N VAL A 6 -17.43 3.21 16.68
CA VAL A 6 -16.27 3.96 16.21
C VAL A 6 -16.07 3.65 14.72
N ILE A 7 -16.33 4.66 13.89
CA ILE A 7 -16.30 4.50 12.44
C ILE A 7 -14.99 4.99 11.86
N ASN A 8 -14.21 4.08 11.30
CA ASN A 8 -13.10 4.43 10.44
C ASN A 8 -13.67 4.79 9.06
N PRO A 9 -13.55 6.06 8.65
CA PRO A 9 -14.15 6.52 7.40
C PRO A 9 -13.49 5.95 6.14
N ASN A 10 -12.26 5.47 6.27
CA ASN A 10 -11.61 4.76 5.16
C ASN A 10 -11.83 3.24 5.25
N THR A 11 -11.54 2.53 4.16
CA THR A 11 -11.84 1.10 4.07
C THR A 11 -10.67 0.19 4.48
N SER A 12 -9.62 0.77 5.05
CA SER A 12 -8.49 0.00 5.53
C SER A 12 -8.83 -0.73 6.83
N LEU A 13 -8.89 -2.06 6.76
CA LEU A 13 -9.18 -2.87 7.94
C LEU A 13 -8.03 -2.82 8.95
N ALA A 14 -6.81 -2.67 8.43
CA ALA A 14 -5.62 -2.49 9.27
C ALA A 14 -5.72 -1.25 10.16
N MET A 15 -6.16 -0.14 9.57
CA MET A 15 -6.35 1.10 10.29
C MET A 15 -7.55 1.01 11.25
N THR A 16 -8.58 0.28 10.81
CA THR A 16 -9.76 0.01 11.63
C THR A 16 -9.39 -0.74 12.93
N GLU A 17 -8.44 -1.67 12.81
CA GLU A 17 -7.96 -2.45 13.97
C GLU A 17 -7.16 -1.59 14.94
N THR A 18 -6.32 -0.70 14.40
CA THR A 18 -5.53 0.22 15.20
C THR A 18 -6.42 1.21 15.95
N ILE A 19 -7.42 1.75 15.23
CA ILE A 19 -8.41 2.66 15.79
C ILE A 19 -9.25 1.97 16.86
N GLY A 20 -9.70 0.76 16.57
CA GLY A 20 -10.50 -0.04 17.51
C GLY A 20 -9.77 -0.36 18.81
N ALA A 21 -8.48 -0.68 18.70
CA ALA A 21 -7.64 -0.98 19.85
C ALA A 21 -7.43 0.24 20.75
N ALA A 22 -7.26 1.41 20.12
CA ALA A 22 -7.08 2.67 20.85
C ALA A 22 -8.34 3.08 21.61
N ALA A 23 -9.49 2.80 21.00
CA ALA A 23 -10.79 3.10 21.60
C ALA A 23 -11.08 2.23 22.83
N ARG A 24 -10.73 0.95 22.75
CA ARG A 24 -10.96 0.00 23.84
C ARG A 24 -10.01 0.23 25.01
N ALA A 25 -8.82 0.76 24.72
CA ALA A 25 -7.79 0.99 25.73
C ALA A 25 -8.15 2.05 26.76
N VAL A 26 -9.02 2.99 26.37
CA VAL A 26 -9.43 4.09 27.25
C VAL A 26 -10.90 4.01 27.66
N ALA A 27 -11.62 3.06 27.07
CA ALA A 27 -13.05 2.88 27.34
C ALA A 27 -13.33 2.60 28.81
N ALA A 28 -14.33 3.29 29.35
CA ALA A 28 -14.74 3.13 30.75
C ALA A 28 -15.39 1.77 30.97
N PRO A 29 -15.44 1.30 32.24
CA PRO A 29 -16.16 0.05 32.54
C PRO A 29 -17.62 0.13 32.08
N GLY A 30 -18.07 -0.92 31.38
CA GLY A 30 -19.44 -0.97 30.87
C GLY A 30 -19.58 -0.47 29.44
N THR A 31 -18.49 0.01 28.86
CA THR A 31 -18.49 0.51 27.48
C THR A 31 -18.04 -0.56 26.50
N GLU A 32 -18.87 -0.80 25.48
CA GLU A 32 -18.52 -1.69 24.38
C GLU A 32 -18.21 -0.86 23.14
N ILE A 33 -17.08 -1.17 22.51
CA ILE A 33 -16.67 -0.49 21.28
C ILE A 33 -17.05 -1.33 20.05
N LEU A 34 -17.75 -0.70 19.12
CA LEU A 34 -18.07 -1.30 17.84
C LEU A 34 -17.23 -0.64 16.74
N ALA A 35 -16.05 -1.20 16.49
CA ALA A 35 -15.13 -0.66 15.49
C ALA A 35 -15.51 -1.13 14.10
N VAL A 36 -15.86 -0.17 13.23
CA VAL A 36 -16.33 -0.47 11.89
C VAL A 36 -15.69 0.40 10.80
N CYS A 37 -15.86 -0.01 9.55
CA CYS A 37 -15.45 0.78 8.39
C CYS A 37 -16.47 0.55 7.27
N PRO A 38 -16.52 1.47 6.27
CA PRO A 38 -17.52 1.33 5.20
C PRO A 38 -17.29 0.11 4.33
N ARG A 39 -18.36 -0.42 3.74
CA ARG A 39 -18.28 -1.54 2.81
C ARG A 39 -17.69 -1.11 1.48
N ALA A 40 -17.96 0.14 1.10
CA ALA A 40 -17.45 0.73 -0.14
C ALA A 40 -16.81 2.08 0.15
N GLY A 41 -15.71 2.38 -0.53
CA GLY A 41 -15.05 3.67 -0.39
C GLY A 41 -13.59 3.68 -0.78
N VAL A 42 -12.80 4.37 0.06
CA VAL A 42 -11.40 4.66 -0.23
C VAL A 42 -10.50 4.10 0.90
N PRO A 43 -9.36 3.47 0.54
CA PRO A 43 -8.46 2.87 1.54
C PRO A 43 -7.79 3.87 2.49
N SER A 44 -7.54 5.09 2.01
CA SER A 44 -7.00 6.16 2.84
C SER A 44 -7.51 7.51 2.37
N ILE A 45 -7.58 8.47 3.29
CA ILE A 45 -8.11 9.79 2.98
C ILE A 45 -6.98 10.81 2.91
N GLU A 46 -6.71 11.29 1.70
CA GLU A 46 -5.57 12.17 1.43
C GLU A 46 -5.98 13.33 0.51
N GLY A 47 -7.04 14.04 0.88
CA GLY A 47 -7.54 15.16 0.09
C GLY A 47 -9.05 15.29 0.10
N HIS A 48 -9.54 16.27 -0.64
CA HIS A 48 -10.96 16.63 -0.63
C HIS A 48 -11.85 15.60 -1.34
N PHE A 49 -11.33 15.02 -2.42
CA PHE A 49 -12.02 13.97 -3.17
C PHE A 49 -12.24 12.74 -2.30
N ASP A 50 -11.19 12.33 -1.60
CA ASP A 50 -11.26 11.19 -0.68
C ASP A 50 -12.25 11.42 0.46
N GLU A 51 -12.30 12.66 0.96
CA GLU A 51 -13.20 13.04 2.05
C GLU A 51 -14.67 12.96 1.67
N ALA A 52 -14.99 13.38 0.45
CA ALA A 52 -16.36 13.36 -0.06
C ALA A 52 -16.89 11.92 -0.17
N ILE A 53 -16.01 11.01 -0.58
CA ILE A 53 -16.32 9.58 -0.63
C ILE A 53 -16.48 9.01 0.78
N ALA A 54 -15.55 9.38 1.67
CA ALA A 54 -15.56 8.92 3.06
C ALA A 54 -16.81 9.34 3.82
N ALA A 55 -17.28 10.56 3.55
CA ALA A 55 -18.47 11.11 4.20
C ALA A 55 -19.71 10.24 4.01
N VAL A 56 -19.89 9.72 2.79
CA VAL A 56 -21.02 8.84 2.48
C VAL A 56 -20.86 7.47 3.15
N GLY A 57 -19.62 6.98 3.21
CA GLY A 57 -19.29 5.75 3.93
C GLY A 57 -19.58 5.86 5.41
N VAL A 58 -19.28 7.01 5.99
CA VAL A 58 -19.62 7.32 7.38
C VAL A 58 -21.13 7.21 7.59
N LEU A 59 -21.91 7.83 6.70
CA LEU A 59 -23.37 7.84 6.78
C LEU A 59 -23.97 6.44 6.68
N GLU A 60 -23.36 5.60 5.85
CA GLU A 60 -23.71 4.19 5.72
C GLU A 60 -23.59 3.46 7.07
N GLN A 61 -22.49 3.72 7.78
CA GLN A 61 -22.24 3.12 9.09
C GLN A 61 -23.07 3.76 10.21
N ILE A 62 -23.33 5.06 10.10
CA ILE A 62 -24.21 5.78 11.02
C ILE A 62 -25.60 5.15 11.02
N ARG A 63 -26.13 4.90 9.82
CA ARG A 63 -27.40 4.23 9.62
C ARG A 63 -27.43 2.86 10.31
N ALA A 64 -26.37 2.08 10.09
CA ALA A 64 -26.21 0.77 10.72
C ALA A 64 -26.17 0.87 12.24
N GLY A 65 -25.45 1.87 12.76
CA GLY A 65 -25.36 2.12 14.19
C GLY A 65 -26.68 2.49 14.83
N ARG A 66 -27.44 3.37 14.14
CA ARG A 66 -28.75 3.79 14.62
C ARG A 66 -29.77 2.65 14.61
N GLU A 67 -29.69 1.79 13.61
CA GLU A 67 -30.53 0.58 13.53
C GLU A 67 -30.23 -0.37 14.69
N GLN A 68 -28.96 -0.44 15.08
CA GLN A 68 -28.52 -1.27 16.20
C GLN A 68 -28.84 -0.62 17.55
N GLY A 69 -29.11 0.68 17.53
CA GLY A 69 -29.46 1.43 18.72
C GLY A 69 -28.26 1.75 19.61
N VAL A 70 -27.14 2.12 18.99
CA VAL A 70 -25.94 2.51 19.73
C VAL A 70 -26.15 3.85 20.43
N ASP A 71 -25.35 4.09 21.47
CA ASP A 71 -25.49 5.30 22.29
C ASP A 71 -24.81 6.51 21.69
N GLY A 72 -23.81 6.28 20.85
CA GLY A 72 -23.05 7.36 20.22
C GLY A 72 -22.13 6.89 19.10
N HIS A 73 -21.54 7.86 18.40
CA HIS A 73 -20.70 7.58 17.24
C HIS A 73 -19.41 8.38 17.27
N VAL A 74 -18.36 7.80 16.70
CA VAL A 74 -17.07 8.47 16.52
C VAL A 74 -16.65 8.40 15.06
N ILE A 75 -16.28 9.54 14.49
CA ILE A 75 -15.73 9.60 13.13
C ILE A 75 -14.20 9.64 13.21
N ALA A 76 -13.58 8.52 12.85
CA ALA A 76 -12.18 8.27 13.17
C ALA A 76 -11.15 8.58 12.07
N SER A 77 -11.32 9.71 11.40
CA SER A 77 -10.26 10.27 10.55
C SER A 77 -10.16 11.78 10.77
N PHE A 78 -8.94 12.30 10.68
CA PHE A 78 -8.62 13.66 11.13
C PHE A 78 -9.30 14.79 10.33
N GLY A 79 -9.99 14.45 9.26
CA GLY A 79 -10.77 15.44 8.51
C GLY A 79 -12.21 15.54 8.97
N ASP A 80 -12.58 14.70 9.95
CA ASP A 80 -13.95 14.59 10.45
C ASP A 80 -15.01 14.58 9.32
N PRO A 81 -14.82 13.74 8.29
CA PRO A 81 -15.70 13.80 7.12
C PRO A 81 -17.15 13.46 7.44
N GLY A 82 -18.06 14.29 6.93
CA GLY A 82 -19.50 14.08 7.09
C GLY A 82 -20.00 14.24 8.52
N LEU A 83 -19.31 15.05 9.31
CA LEU A 83 -19.64 15.22 10.73
C LEU A 83 -21.06 15.73 10.96
N LEU A 84 -21.40 16.84 10.31
CA LEU A 84 -22.72 17.46 10.48
C LEU A 84 -23.83 16.64 9.81
N ALA A 85 -23.48 15.99 8.70
CA ALA A 85 -24.39 15.06 8.02
C ALA A 85 -24.74 13.88 8.93
N ALA A 86 -23.72 13.37 9.63
CA ALA A 86 -23.89 12.25 10.56
C ALA A 86 -24.75 12.64 11.77
N ARG A 87 -24.57 13.86 12.25
CA ARG A 87 -25.34 14.36 13.39
C ARG A 87 -26.83 14.51 13.07
N GLU A 88 -27.14 14.83 11.82
CA GLU A 88 -28.52 14.89 11.35
C GLU A 88 -29.16 13.50 11.34
N LEU A 89 -28.42 12.50 10.82
CA LEU A 89 -28.94 11.15 10.68
C LEU A 89 -29.01 10.40 12.01
N ALA A 90 -28.01 10.59 12.87
CA ALA A 90 -27.92 9.87 14.14
C ALA A 90 -28.75 10.51 15.24
N GLN A 91 -29.18 9.69 16.20
CA GLN A 91 -29.89 10.16 17.38
C GLN A 91 -28.89 10.47 18.49
N GLY A 92 -27.97 9.54 18.72
CA GLY A 92 -26.89 9.73 19.68
C GLY A 92 -25.85 10.71 19.16
N PRO A 93 -24.99 11.23 20.06
CA PRO A 93 -23.96 12.20 19.68
C PRO A 93 -22.92 11.62 18.72
N VAL A 94 -22.43 12.47 17.82
CA VAL A 94 -21.38 12.10 16.88
C VAL A 94 -20.18 13.03 17.07
N ILE A 95 -19.03 12.45 17.39
CA ILE A 95 -17.82 13.21 17.67
C ILE A 95 -16.71 12.88 16.66
N GLY A 96 -16.14 13.90 16.05
CA GLY A 96 -14.98 13.73 15.17
C GLY A 96 -13.70 13.67 15.98
N ILE A 97 -12.69 12.98 15.44
CA ILE A 97 -11.42 12.82 16.17
C ILE A 97 -10.54 14.07 16.15
N ALA A 98 -10.65 14.86 15.08
CA ALA A 98 -9.97 16.16 15.02
C ALA A 98 -10.61 17.10 16.03
N GLU A 99 -11.93 17.16 16.00
CA GLU A 99 -12.73 17.93 16.95
C GLU A 99 -12.34 17.61 18.40
N ALA A 100 -12.34 16.32 18.74
CA ALA A 100 -12.07 15.88 20.11
C ALA A 100 -10.63 16.17 20.56
N ALA A 101 -9.66 15.93 19.68
CA ALA A 101 -8.25 16.18 19.98
C ALA A 101 -7.98 17.67 20.24
N MET A 102 -8.57 18.52 19.40
CA MET A 102 -8.43 19.97 19.52
C MET A 102 -9.09 20.50 20.80
N HIS A 103 -10.27 19.95 21.12
CA HIS A 103 -10.99 20.32 22.34
C HIS A 103 -10.19 19.99 23.61
N MET A 104 -9.58 18.81 23.62
CA MET A 104 -8.76 18.37 24.76
C MET A 104 -7.49 19.20 24.90
N ALA A 105 -6.91 19.58 23.76
CA ALA A 105 -5.67 20.36 23.73
C ALA A 105 -5.81 21.73 24.39
N THR A 106 -6.97 22.36 24.22
CA THR A 106 -7.25 23.67 24.80
C THR A 106 -7.46 23.60 26.32
N MET A 107 -7.65 22.39 26.83
CA MET A 107 -7.88 22.16 28.26
C MET A 107 -6.59 21.87 29.03
N VAL A 108 -5.53 21.51 28.31
CA VAL A 108 -4.26 21.13 28.93
C VAL A 108 -3.08 22.04 28.54
N ALA A 109 -3.30 22.90 27.56
CA ALA A 109 -2.28 23.82 27.07
C ALA A 109 -2.90 25.12 26.54
N THR A 110 -2.11 26.19 26.51
CA THR A 110 -2.56 27.46 25.94
C THR A 110 -2.63 27.35 24.41
N ARG A 111 -1.58 26.81 23.82
CA ARG A 111 -1.53 26.58 22.37
C ARG A 111 -0.98 25.19 22.05
N PHE A 112 -1.43 24.64 20.93
CA PHE A 112 -0.99 23.31 20.49
C PHE A 112 -0.43 23.33 19.07
N SER A 113 0.37 22.31 18.76
CA SER A 113 0.87 22.10 17.39
C SER A 113 0.27 20.83 16.82
N ILE A 114 0.02 20.83 15.52
CA ILE A 114 -0.51 19.64 14.83
C ILE A 114 0.59 18.96 14.01
N VAL A 115 0.70 17.64 14.19
CA VAL A 115 1.60 16.83 13.38
C VAL A 115 0.76 15.80 12.61
N THR A 116 0.69 15.98 11.29
CA THR A 116 -0.12 15.13 10.42
C THR A 116 0.71 14.43 9.33
N THR A 117 0.03 13.79 8.38
CA THR A 117 0.67 12.93 7.39
C THR A 117 1.21 13.66 6.15
N LEU A 118 0.31 13.99 5.23
CA LEU A 118 0.69 14.62 3.96
C LEU A 118 0.50 16.13 3.97
N PRO A 119 1.37 16.87 3.24
CA PRO A 119 1.24 18.32 3.09
C PRO A 119 -0.12 18.78 2.56
N ARG A 120 -0.72 18.00 1.65
CA ARG A 120 -2.00 18.38 1.05
C ARG A 120 -3.22 18.25 2.00
N THR A 121 -3.02 17.61 3.14
CA THR A 121 -4.08 17.50 4.15
C THR A 121 -4.06 18.67 5.14
N LEU A 122 -2.98 19.45 5.11
CA LEU A 122 -2.82 20.60 6.01
C LEU A 122 -3.94 21.63 5.86
N ILE A 123 -4.31 21.93 4.62
CA ILE A 123 -5.40 22.87 4.33
C ILE A 123 -6.74 22.41 4.92
N ILE A 124 -6.96 21.09 4.94
CA ILE A 124 -8.16 20.50 5.54
C ILE A 124 -8.15 20.74 7.05
N ALA A 125 -6.99 20.53 7.67
CA ALA A 125 -6.81 20.80 9.10
C ALA A 125 -6.96 22.29 9.43
N ARG A 126 -6.48 23.15 8.53
CA ARG A 126 -6.60 24.60 8.68
C ARG A 126 -8.07 25.04 8.65
N HIS A 127 -8.84 24.45 7.74
CA HIS A 127 -10.27 24.74 7.61
C HIS A 127 -11.03 24.31 8.87
N LEU A 128 -10.68 23.14 9.41
CA LEU A 128 -11.31 22.64 10.64
C LEU A 128 -11.00 23.51 11.85
N LEU A 129 -9.77 24.03 11.90
CA LEU A 129 -9.36 24.97 12.95
C LEU A 129 -10.26 26.21 12.96
N HIS A 130 -10.50 26.77 11.78
CA HIS A 130 -11.38 27.93 11.63
C HIS A 130 -12.84 27.58 11.92
N GLN A 131 -13.28 26.42 11.44
CA GLN A 131 -14.66 25.94 11.64
C GLN A 131 -14.98 25.69 13.11
N TYR A 132 -14.06 25.05 13.83
CA TYR A 132 -14.25 24.76 15.25
C TYR A 132 -13.88 25.93 16.16
N GLY A 133 -13.14 26.88 15.60
CA GLY A 133 -12.77 28.11 16.32
C GLY A 133 -11.49 28.04 17.13
N PHE A 134 -10.59 27.12 16.77
CA PHE A 134 -9.35 26.93 17.50
C PHE A 134 -8.11 27.43 16.76
N HIS A 135 -8.30 28.26 15.75
CA HIS A 135 -7.21 28.78 14.93
C HIS A 135 -6.16 29.55 15.75
N GLN A 136 -6.63 30.36 16.69
CA GLN A 136 -5.74 31.13 17.58
C GLN A 136 -5.02 30.22 18.58
N HIS A 137 -5.62 29.07 18.87
CA HIS A 137 -5.05 28.10 19.80
C HIS A 137 -4.01 27.18 19.14
N CYS A 138 -3.93 27.22 17.82
CA CYS A 138 -2.95 26.40 17.10
C CYS A 138 -1.73 27.22 16.69
N ALA A 139 -0.59 26.88 17.29
CA ALA A 139 0.67 27.60 17.06
C ALA A 139 1.26 27.31 15.68
N ALA A 140 1.18 26.04 15.26
CA ALA A 140 1.73 25.61 13.98
C ALA A 140 1.13 24.28 13.52
N LEU A 141 1.17 24.06 12.20
CA LEU A 141 0.75 22.80 11.60
C LEU A 141 1.93 22.19 10.84
N HIS A 142 2.15 20.89 11.03
CA HIS A 142 3.27 20.19 10.41
C HIS A 142 2.84 18.88 9.75
N ALA A 143 3.51 18.54 8.65
CA ALA A 143 3.28 17.29 7.95
C ALA A 143 4.60 16.53 7.81
N ILE A 144 4.55 15.21 7.97
CA ILE A 144 5.75 14.36 7.91
C ILE A 144 6.12 13.93 6.48
N ASP A 145 5.28 14.32 5.51
CA ASP A 145 5.48 14.02 4.08
C ASP A 145 5.56 12.52 3.76
N LEU A 146 4.68 11.75 4.38
CA LEU A 146 4.50 10.34 4.06
C LEU A 146 3.01 10.05 3.91
N PRO A 147 2.64 9.09 3.03
CA PRO A 147 1.24 8.71 2.88
C PRO A 147 0.63 8.21 4.19
N VAL A 148 -0.69 8.34 4.33
CA VAL A 148 -1.41 7.96 5.54
C VAL A 148 -1.10 6.52 5.99
N LEU A 149 -1.10 5.60 5.02
CA LEU A 149 -0.93 4.17 5.32
C LEU A 149 0.51 3.76 5.65
N ALA A 150 1.44 4.70 5.59
CA ALA A 150 2.83 4.46 6.00
C ALA A 150 2.92 4.11 7.48
N LEU A 151 1.93 4.57 8.25
CA LEU A 151 1.82 4.25 9.68
C LEU A 151 1.48 2.78 9.93
N GLU A 152 1.00 2.11 8.88
CA GLU A 152 0.61 0.70 8.98
C GLU A 152 1.54 -0.25 8.22
N ASP A 153 2.60 0.30 7.62
CA ASP A 153 3.48 -0.48 6.73
C ASP A 153 4.57 -1.29 7.44
N GLY A 154 4.62 -1.18 8.77
CA GLY A 154 5.49 -2.00 9.60
C GLY A 154 6.94 -1.57 9.72
N SER A 155 7.34 -0.56 8.94
CA SER A 155 8.73 -0.09 8.91
C SER A 155 9.10 0.72 10.15
N GLY A 156 8.13 1.43 10.72
CA GLY A 156 8.37 2.30 11.87
C GLY A 156 8.92 3.66 11.50
N LEU A 157 9.03 3.91 10.19
CA LEU A 157 9.57 5.17 9.67
C LEU A 157 8.66 6.36 9.97
N ALA A 158 7.36 6.19 9.72
CA ALA A 158 6.37 7.24 9.97
C ALA A 158 6.29 7.58 11.46
N GLN A 159 6.35 6.57 12.31
CA GLN A 159 6.33 6.73 13.76
C GLN A 159 7.54 7.52 14.27
N GLU A 160 8.71 7.23 13.71
CA GLU A 160 9.94 7.94 14.06
C GLU A 160 9.91 9.39 13.56
N LYS A 161 9.36 9.59 12.37
CA LYS A 161 9.21 10.93 11.80
C LYS A 161 8.23 11.80 12.60
N VAL A 162 7.19 11.18 13.15
CA VAL A 162 6.25 11.85 14.04
C VAL A 162 6.96 12.28 15.32
N ARG A 163 7.72 11.34 15.91
CA ARG A 163 8.50 11.59 17.11
C ARG A 163 9.45 12.77 16.94
N GLU A 164 10.25 12.73 15.87
CA GLU A 164 11.23 13.78 15.57
C GLU A 164 10.58 15.14 15.33
N ARG A 165 9.43 15.13 14.64
CA ARG A 165 8.67 16.35 14.40
C ARG A 165 8.00 16.92 15.65
N CYS A 166 7.64 16.04 16.58
CA CYS A 166 7.09 16.45 17.88
C CYS A 166 8.13 17.17 18.73
N ILE A 167 9.35 16.64 18.74
CA ILE A 167 10.48 17.26 19.47
C ILE A 167 10.80 18.64 18.91
N ARG A 168 10.84 18.73 17.58
CA ARG A 168 11.12 19.99 16.89
C ARG A 168 10.02 21.03 17.14
N ALA A 169 8.78 20.57 17.17
CA ALA A 169 7.62 21.43 17.41
C ALA A 169 7.66 22.07 18.81
N LEU A 170 7.98 21.26 19.82
CA LEU A 170 8.06 21.73 21.20
C LEU A 170 9.19 22.73 21.43
N LYS A 171 10.18 22.71 20.55
CA LYS A 171 11.35 23.60 20.65
C LYS A 171 11.13 24.92 19.91
N GLU A 172 10.40 24.87 18.80
CA GLU A 172 10.30 26.02 17.88
C GLU A 172 8.96 26.76 17.90
N ASP A 173 7.86 26.00 18.05
CA ASP A 173 6.51 26.54 17.82
C ASP A 173 5.98 27.46 18.92
N GLY A 174 6.45 27.28 20.14
CA GLY A 174 5.90 27.99 21.30
C GLY A 174 4.55 27.44 21.69
N SER A 175 4.44 26.11 21.67
CA SER A 175 3.22 25.42 22.07
C SER A 175 3.49 24.48 23.24
N GLY A 176 2.43 24.12 23.96
CA GLY A 176 2.55 23.27 25.14
C GLY A 176 2.10 21.83 24.95
N ALA A 177 1.39 21.57 23.85
CA ALA A 177 0.87 20.23 23.56
C ALA A 177 0.92 19.90 22.08
N ILE A 178 0.81 18.61 21.76
CA ILE A 178 0.77 18.14 20.38
C ILE A 178 -0.54 17.44 20.08
N VAL A 179 -1.16 17.79 18.95
CA VAL A 179 -2.32 17.09 18.43
C VAL A 179 -1.86 16.22 17.25
N LEU A 180 -2.02 14.90 17.39
CA LEU A 180 -1.68 13.97 16.31
C LEU A 180 -2.75 14.01 15.23
N GLY A 181 -2.33 14.28 14.00
CA GLY A 181 -3.25 14.54 12.90
C GLY A 181 -3.63 13.35 12.04
N SER A 182 -3.78 12.19 12.66
CA SER A 182 -4.20 10.97 11.95
C SER A 182 -4.76 9.92 12.91
N GLY A 183 -5.70 9.13 12.43
CA GLY A 183 -6.25 8.00 13.18
C GLY A 183 -5.26 6.86 13.32
N GLY A 184 -4.24 6.85 12.46
CA GLY A 184 -3.19 5.84 12.48
C GLY A 184 -2.15 6.05 13.56
N MET A 185 -2.07 7.28 14.06
CA MET A 185 -1.12 7.64 15.13
C MET A 185 -1.72 7.39 16.51
N ALA A 186 -2.91 6.81 16.55
CA ALA A 186 -3.69 6.65 17.78
C ALA A 186 -2.94 5.99 18.94
N THR A 187 -2.15 4.97 18.65
CA THR A 187 -1.42 4.22 19.68
C THR A 187 -0.09 4.86 20.09
N LEU A 188 0.36 5.85 19.32
CA LEU A 188 1.64 6.52 19.54
C LEU A 188 1.53 7.60 20.63
N ALA A 189 0.30 8.04 20.89
CA ALA A 189 0.03 9.17 21.79
C ALA A 189 0.50 8.96 23.23
N GLN A 190 0.20 7.79 23.80
N GLN A 190 0.19 7.79 23.79
CA GLN A 190 0.56 7.47 25.17
CA GLN A 190 0.55 7.45 25.16
C GLN A 190 2.07 7.36 25.39
C GLN A 190 2.06 7.38 25.38
N GLN A 191 2.76 6.83 24.38
CA GLN A 191 4.22 6.68 24.44
C GLN A 191 4.95 8.01 24.38
N LEU A 192 4.52 8.88 23.46
CA LEU A 192 5.13 10.21 23.31
C LEU A 192 4.83 11.13 24.48
N THR A 193 3.65 10.97 25.08
CA THR A 193 3.26 11.74 26.26
C THR A 193 4.22 11.47 27.43
N ARG A 194 4.49 10.18 27.68
CA ARG A 194 5.41 9.77 28.74
C ARG A 194 6.86 10.13 28.43
N GLU A 195 7.24 10.00 27.16
CA GLU A 195 8.62 10.24 26.72
C GLU A 195 8.96 11.73 26.69
N LEU A 196 8.07 12.55 26.14
CA LEU A 196 8.33 13.97 25.95
C LEU A 196 7.83 14.85 27.11
N ARG A 197 7.11 14.22 28.05
CA ARG A 197 6.60 14.90 29.25
C ARG A 197 5.62 16.04 28.96
N VAL A 198 4.92 15.92 27.84
CA VAL A 198 3.87 16.88 27.44
C VAL A 198 2.65 16.11 26.95
N PRO A 199 1.46 16.75 26.95
CA PRO A 199 0.29 16.11 26.38
C PRO A 199 0.44 15.90 24.87
N VAL A 200 0.49 14.64 24.45
CA VAL A 200 0.44 14.27 23.03
C VAL A 200 -0.89 13.56 22.84
N ILE A 201 -1.79 14.19 22.09
CA ILE A 201 -3.20 13.81 22.12
C ILE A 201 -3.66 13.04 20.88
N ASP A 202 -4.29 11.89 21.14
CA ASP A 202 -4.95 11.11 20.11
C ASP A 202 -6.44 11.43 20.11
N GLY A 203 -6.96 11.76 18.94
CA GLY A 203 -8.37 12.09 18.79
C GLY A 203 -9.33 10.93 18.96
N VAL A 204 -8.88 9.73 18.61
CA VAL A 204 -9.71 8.52 18.73
C VAL A 204 -10.12 8.28 20.18
N SER A 205 -9.12 8.21 21.06
CA SER A 205 -9.34 8.01 22.48
C SER A 205 -10.14 9.16 23.10
N ALA A 206 -9.83 10.38 22.68
CA ALA A 206 -10.50 11.58 23.17
C ALA A 206 -12.00 11.60 22.81
N ALA A 207 -12.31 11.20 21.57
CA ALA A 207 -13.68 11.18 21.08
C ALA A 207 -14.55 10.14 21.80
N VAL A 208 -13.95 9.01 22.15
CA VAL A 208 -14.61 7.98 22.92
C VAL A 208 -15.07 8.54 24.27
N LYS A 209 -14.16 9.26 24.94
CA LYS A 209 -14.44 9.86 26.24
C LYS A 209 -15.51 10.95 26.15
N MET A 210 -15.54 11.67 25.03
CA MET A 210 -16.55 12.70 24.80
C MET A 210 -17.95 12.09 24.64
N VAL A 211 -18.04 10.99 23.91
CA VAL A 211 -19.31 10.27 23.74
C VAL A 211 -19.79 9.73 25.09
N GLU A 212 -18.89 9.10 25.84
CA GLU A 212 -19.19 8.60 27.19
C GLU A 212 -19.67 9.72 28.10
N SER A 213 -19.00 10.87 28.03
CA SER A 213 -19.35 12.03 28.84
C SER A 213 -20.75 12.54 28.53
N LEU A 214 -21.05 12.72 27.25
CA LEU A 214 -22.35 13.23 26.81
C LEU A 214 -23.51 12.28 27.17
N VAL A 215 -23.27 10.97 27.04
CA VAL A 215 -24.27 9.95 27.40
C VAL A 215 -24.55 10.00 28.91
N ALA A 216 -23.50 10.12 29.72
CA ALA A 216 -23.64 10.21 31.17
C ALA A 216 -24.35 11.49 31.60
N LEU A 217 -24.17 12.56 30.81
CA LEU A 217 -24.84 13.84 31.06
C LEU A 217 -26.29 13.85 30.56
N GLY A 218 -26.68 12.79 29.86
CA GLY A 218 -28.02 12.69 29.27
C GLY A 218 -28.21 13.68 28.14
N LEU A 219 -27.14 13.93 27.40
CA LEU A 219 -27.16 14.87 26.28
C LEU A 219 -26.91 14.16 24.95
N ALA A 220 -27.72 14.51 23.96
CA ALA A 220 -27.56 14.01 22.60
C ALA A 220 -27.71 15.17 21.62
N THR A 221 -27.46 14.89 20.35
CA THR A 221 -27.57 15.90 19.29
C THR A 221 -28.94 16.57 19.29
N SER A 222 -28.95 17.89 19.19
CA SER A 222 -30.18 18.66 19.11
C SER A 222 -30.92 18.39 17.81
N LYS A 223 -32.18 17.99 17.92
CA LYS A 223 -33.03 17.74 16.75
C LYS A 223 -33.93 18.94 16.46
N HIS A 224 -33.56 20.07 17.04
CA HIS A 224 -34.26 21.33 16.83
C HIS A 224 -33.43 22.21 15.89
N GLY A 225 -33.92 22.38 14.67
CA GLY A 225 -33.30 23.26 13.69
C GLY A 225 -32.28 22.61 12.78
N ASP A 226 -31.02 23.03 12.94
CA ASP A 226 -29.94 22.71 12.00
C ASP A 226 -29.55 21.24 11.91
N LEU A 227 -29.58 20.55 13.05
CA LEU A 227 -29.15 19.15 13.10
C LEU A 227 -30.34 18.21 13.29
N ALA A 228 -31.51 18.67 12.89
CA ALA A 228 -32.72 17.84 12.87
C ALA A 228 -32.55 16.70 11.87
N PHE A 229 -33.32 15.64 12.05
CA PHE A 229 -33.33 14.53 11.11
C PHE A 229 -33.54 15.04 9.69
N PRO A 230 -32.87 14.43 8.69
CA PRO A 230 -33.01 14.88 7.30
C PRO A 230 -34.47 14.91 6.88
N GLU A 231 -34.84 15.91 6.07
CA GLU A 231 -36.20 16.03 5.55
C GLU A 231 -36.58 14.77 4.78
N LYS A 232 -37.82 14.33 4.94
CA LYS A 232 -38.29 13.09 4.29
C LYS A 232 -38.30 13.24 2.77
N LYS A 233 -37.46 12.45 2.11
CA LYS A 233 -37.40 12.41 0.65
C LYS A 233 -36.79 11.10 0.16
N ALA A 234 -37.08 10.77 -1.10
CA ALA A 234 -36.67 9.51 -1.69
C ALA A 234 -35.25 9.58 -2.26
N LEU A 235 -34.37 8.72 -1.74
CA LEU A 235 -33.00 8.62 -2.22
C LEU A 235 -32.92 7.55 -3.31
N SER A 236 -32.19 7.85 -4.38
CA SER A 236 -32.12 6.96 -5.53
C SER A 236 -30.77 6.26 -5.68
N GLY A 237 -30.79 5.11 -6.35
CA GLY A 237 -29.59 4.35 -6.67
C GLY A 237 -28.79 3.89 -5.48
N GLN A 238 -27.50 4.22 -5.49
CA GLN A 238 -26.54 3.80 -4.46
C GLN A 238 -26.83 4.37 -3.06
N PHE A 239 -27.66 5.41 -2.99
CA PHE A 239 -27.93 6.12 -1.74
C PHE A 239 -29.24 5.72 -1.06
N GLN A 240 -30.03 4.87 -1.73
CA GLN A 240 -31.39 4.53 -1.26
C GLN A 240 -31.45 3.88 0.13
N SER A 241 -30.36 3.25 0.55
CA SER A 241 -30.30 2.55 1.83
C SER A 241 -29.88 3.45 3.01
N LEU A 242 -29.47 4.68 2.71
CA LEU A 242 -28.92 5.58 3.73
C LEU A 242 -29.91 6.08 4.78
N ASN A 243 -31.17 6.22 4.41
CA ASN A 243 -32.20 6.71 5.32
C ASN A 243 -33.50 5.90 5.28
N PRO A 244 -33.51 4.72 5.91
CA PRO A 244 -34.71 3.88 5.96
C PRO A 244 -35.71 4.31 7.03
N PHE A 245 -35.28 5.24 7.90
CA PHE A 245 -36.11 5.73 8.99
C PHE A 245 -37.14 6.73 8.49
N SER B 1 5.90 10.88 -15.92
CA SER B 1 4.46 10.63 -16.19
C SER B 1 4.07 9.20 -15.83
N VAL B 2 4.90 8.24 -16.23
CA VAL B 2 4.66 6.83 -15.95
C VAL B 2 5.75 6.26 -15.04
N ARG B 3 5.36 5.87 -13.84
CA ARG B 3 6.31 5.32 -12.87
C ARG B 3 6.17 3.80 -12.75
N ILE B 4 7.25 3.09 -13.07
CA ILE B 4 7.26 1.64 -13.02
C ILE B 4 8.22 1.14 -11.94
N GLN B 5 7.68 0.40 -10.99
CA GLN B 5 8.47 -0.20 -9.93
C GLN B 5 9.03 -1.54 -10.40
N VAL B 6 10.36 -1.62 -10.49
CA VAL B 6 11.03 -2.85 -10.87
C VAL B 6 11.58 -3.52 -9.61
N ILE B 7 10.98 -4.65 -9.24
CA ILE B 7 11.30 -5.34 -8.00
C ILE B 7 12.27 -6.48 -8.22
N ASN B 8 13.47 -6.34 -7.68
CA ASN B 8 14.39 -7.47 -7.53
C ASN B 8 13.96 -8.25 -6.29
N PRO B 9 13.44 -9.48 -6.49
CA PRO B 9 12.91 -10.28 -5.38
C PRO B 9 13.98 -10.77 -4.39
N ASN B 10 15.26 -10.74 -4.81
CA ASN B 10 16.36 -11.04 -3.89
C ASN B 10 16.97 -9.76 -3.31
N THR B 11 17.76 -9.92 -2.23
CA THR B 11 18.30 -8.78 -1.47
C THR B 11 19.61 -8.23 -2.01
N SER B 12 20.13 -8.83 -3.08
CA SER B 12 21.41 -8.40 -3.67
C SER B 12 21.32 -6.99 -4.25
N LEU B 13 22.06 -6.06 -3.64
CA LEU B 13 22.07 -4.66 -4.07
C LEU B 13 22.72 -4.51 -5.44
N ALA B 14 23.77 -5.29 -5.68
CA ALA B 14 24.48 -5.28 -6.96
C ALA B 14 23.60 -5.74 -8.11
N MET B 15 22.78 -6.77 -7.87
CA MET B 15 21.84 -7.26 -8.87
C MET B 15 20.70 -6.27 -9.12
N THR B 16 20.28 -5.58 -8.06
CA THR B 16 19.25 -4.54 -8.15
C THR B 16 19.72 -3.39 -9.06
N GLU B 17 21.00 -3.04 -8.95
CA GLU B 17 21.60 -2.00 -9.79
C GLU B 17 21.76 -2.46 -11.24
N THR B 18 22.02 -3.75 -11.43
CA THR B 18 22.12 -4.35 -12.76
C THR B 18 20.74 -4.38 -13.43
N ILE B 19 19.72 -4.79 -12.66
CA ILE B 19 18.35 -4.86 -13.14
C ILE B 19 17.80 -3.46 -13.46
N GLY B 20 18.04 -2.51 -12.56
CA GLY B 20 17.62 -1.12 -12.75
C GLY B 20 18.18 -0.47 -13.99
N ALA B 21 19.47 -0.70 -14.25
CA ALA B 21 20.15 -0.15 -15.42
C ALA B 21 19.57 -0.68 -16.74
N ALA B 22 19.25 -1.98 -16.76
CA ALA B 22 18.65 -2.61 -17.93
C ALA B 22 17.25 -2.06 -18.20
N ALA B 23 16.52 -1.78 -17.13
CA ALA B 23 15.18 -1.22 -17.21
C ALA B 23 15.19 0.19 -17.80
N ARG B 24 16.13 1.02 -17.33
CA ARG B 24 16.25 2.40 -17.78
C ARG B 24 16.75 2.53 -19.22
N ALA B 25 17.56 1.56 -19.66
CA ALA B 25 18.14 1.56 -21.00
C ALA B 25 17.12 1.40 -22.12
N VAL B 26 15.97 0.79 -21.80
CA VAL B 26 14.93 0.54 -22.78
C VAL B 26 13.66 1.36 -22.53
N ALA B 27 13.59 2.02 -21.37
CA ALA B 27 12.43 2.79 -20.97
C ALA B 27 12.13 3.94 -21.93
N ALA B 28 10.85 4.11 -22.26
CA ALA B 28 10.39 5.18 -23.15
C ALA B 28 10.54 6.54 -22.47
N PRO B 29 10.61 7.62 -23.27
CA PRO B 29 10.63 8.98 -22.70
C PRO B 29 9.39 9.23 -21.84
N GLY B 30 9.61 9.72 -20.62
CA GLY B 30 8.52 9.97 -19.69
C GLY B 30 8.32 8.86 -18.66
N THR B 31 9.07 7.77 -18.80
CA THR B 31 9.01 6.66 -17.87
C THR B 31 10.08 6.77 -16.79
N GLU B 32 9.66 6.67 -15.53
CA GLU B 32 10.58 6.65 -14.39
C GLU B 32 10.66 5.24 -13.83
N ILE B 33 11.89 4.75 -13.65
CA ILE B 33 12.14 3.42 -13.10
C ILE B 33 12.45 3.49 -11.62
N LEU B 34 11.71 2.70 -10.82
CA LEU B 34 11.97 2.57 -9.39
C LEU B 34 12.51 1.16 -9.11
N ALA B 35 13.84 1.03 -9.11
CA ALA B 35 14.50 -0.25 -8.87
C ALA B 35 14.65 -0.52 -7.38
N VAL B 36 13.96 -1.54 -6.89
CA VAL B 36 13.91 -1.86 -5.46
C VAL B 36 14.16 -3.33 -5.15
N CYS B 37 14.43 -3.61 -3.88
CA CYS B 37 14.57 -4.98 -3.37
C CYS B 37 13.94 -5.06 -1.98
N PRO B 38 13.58 -6.29 -1.54
CA PRO B 38 12.97 -6.43 -0.21
C PRO B 38 13.96 -6.07 0.91
N ARG B 39 13.42 -5.57 2.02
CA ARG B 39 14.21 -5.20 3.19
C ARG B 39 14.77 -6.44 3.88
N ALA B 40 14.06 -7.56 3.77
CA ALA B 40 14.49 -8.83 4.32
C ALA B 40 14.14 -9.98 3.38
N GLY B 41 15.02 -10.98 3.31
CA GLY B 41 14.78 -12.15 2.47
C GLY B 41 16.02 -12.95 2.13
N VAL B 42 16.09 -13.38 0.87
CA VAL B 42 17.15 -14.25 0.38
C VAL B 42 18.11 -13.47 -0.56
N PRO B 43 19.43 -13.75 -0.47
CA PRO B 43 20.41 -13.08 -1.35
C PRO B 43 20.30 -13.48 -2.82
N SER B 44 19.85 -14.71 -3.07
CA SER B 44 19.63 -15.22 -4.41
C SER B 44 18.55 -16.30 -4.39
N ILE B 45 17.87 -16.49 -5.51
CA ILE B 45 16.74 -17.41 -5.57
C ILE B 45 17.11 -18.66 -6.37
N GLU B 46 17.25 -19.78 -5.65
CA GLU B 46 17.74 -21.02 -6.23
C GLU B 46 16.92 -22.23 -5.76
N GLY B 47 15.61 -22.18 -5.98
CA GLY B 47 14.72 -23.27 -5.59
C GLY B 47 13.38 -22.80 -5.07
N HIS B 48 12.52 -23.76 -4.73
CA HIS B 48 11.13 -23.48 -4.33
C HIS B 48 11.02 -22.75 -3.00
N PHE B 49 11.87 -23.13 -2.03
CA PHE B 49 11.92 -22.48 -0.72
C PHE B 49 12.30 -21.01 -0.85
N ASP B 50 13.34 -20.74 -1.66
CA ASP B 50 13.79 -19.38 -1.93
C ASP B 50 12.69 -18.53 -2.57
N GLU B 51 11.91 -19.15 -3.46
CA GLU B 51 10.84 -18.45 -4.16
C GLU B 51 9.68 -18.06 -3.24
N ALA B 52 9.41 -18.90 -2.25
CA ALA B 52 8.34 -18.65 -1.27
C ALA B 52 8.66 -17.42 -0.41
N ILE B 53 9.93 -17.30 -0.02
CA ILE B 53 10.41 -16.13 0.72
C ILE B 53 10.42 -14.89 -0.18
N ALA B 54 10.88 -15.06 -1.41
CA ALA B 54 10.91 -13.98 -2.40
C ALA B 54 9.51 -13.46 -2.70
N ALA B 55 8.53 -14.36 -2.73
CA ALA B 55 7.13 -13.99 -2.99
C ALA B 55 6.60 -12.96 -1.99
N VAL B 56 6.87 -13.20 -0.72
CA VAL B 56 6.46 -12.27 0.35
C VAL B 56 7.26 -10.97 0.26
N GLY B 57 8.54 -11.08 -0.10
CA GLY B 57 9.38 -9.91 -0.36
C GLY B 57 8.88 -9.06 -1.50
N VAL B 58 8.37 -9.72 -2.56
CA VAL B 58 7.72 -9.04 -3.67
C VAL B 58 6.47 -8.30 -3.17
N LEU B 59 5.67 -8.97 -2.36
CA LEU B 59 4.45 -8.38 -1.79
C LEU B 59 4.73 -7.17 -0.90
N GLU B 60 5.85 -7.21 -0.17
CA GLU B 60 6.32 -6.07 0.62
C GLU B 60 6.54 -4.85 -0.27
N GLN B 61 7.21 -5.07 -1.39
CA GLN B 61 7.51 -3.99 -2.34
C GLN B 61 6.29 -3.58 -3.17
N ILE B 62 5.41 -4.53 -3.47
CA ILE B 62 4.14 -4.24 -4.15
C ILE B 62 3.33 -3.24 -3.30
N ARG B 63 3.26 -3.53 -2.00
CA ARG B 63 2.61 -2.65 -1.03
C ARG B 63 3.24 -1.25 -1.06
N ALA B 64 4.57 -1.21 -0.98
CA ALA B 64 5.33 0.05 -1.01
C ALA B 64 5.06 0.83 -2.29
N GLY B 65 5.06 0.13 -3.42
CA GLY B 65 4.77 0.75 -4.72
C GLY B 65 3.36 1.28 -4.82
N ARG B 66 2.40 0.51 -4.31
CA ARG B 66 1.00 0.91 -4.30
C ARG B 66 0.76 2.09 -3.35
N GLU B 67 1.51 2.12 -2.24
CA GLU B 67 1.48 3.26 -1.31
C GLU B 67 2.00 4.55 -1.96
N GLN B 68 2.97 4.39 -2.87
CA GLN B 68 3.56 5.51 -3.60
C GLN B 68 2.72 5.90 -4.82
N GLY B 69 1.83 4.99 -5.23
CA GLY B 69 0.94 5.23 -6.37
C GLY B 69 1.59 5.05 -7.72
N VAL B 70 2.43 4.02 -7.84
CA VAL B 70 3.07 3.69 -9.11
C VAL B 70 2.07 3.14 -10.12
N ASP B 71 2.44 3.19 -11.40
CA ASP B 71 1.53 2.80 -12.48
C ASP B 71 1.62 1.32 -12.83
N GLY B 72 2.74 0.69 -12.47
CA GLY B 72 2.94 -0.73 -12.76
C GLY B 72 4.10 -1.34 -12.00
N HIS B 73 4.20 -2.67 -12.06
CA HIS B 73 5.21 -3.41 -11.33
C HIS B 73 5.87 -4.46 -12.20
N VAL B 74 7.15 -4.72 -11.94
CA VAL B 74 7.90 -5.79 -12.58
C VAL B 74 8.54 -6.68 -11.52
N ILE B 75 8.31 -7.98 -11.62
CA ILE B 75 8.98 -8.96 -10.75
C ILE B 75 10.21 -9.49 -11.49
N ALA B 76 11.39 -9.05 -11.04
CA ALA B 76 12.65 -9.27 -11.76
C ALA B 76 13.43 -10.50 -11.32
N SER B 77 12.73 -11.63 -11.19
CA SER B 77 13.35 -12.94 -11.01
C SER B 77 12.70 -13.91 -11.97
N PHE B 78 13.52 -14.81 -12.54
CA PHE B 78 13.05 -15.69 -13.62
C PHE B 78 12.02 -16.76 -13.18
N GLY B 79 11.80 -16.88 -11.89
CA GLY B 79 10.74 -17.75 -11.39
C GLY B 79 9.42 -17.03 -11.22
N ASP B 80 9.41 -15.74 -11.53
CA ASP B 80 8.25 -14.85 -11.35
C ASP B 80 7.54 -15.07 -10.00
N PRO B 81 8.30 -15.03 -8.89
CA PRO B 81 7.73 -15.42 -7.59
C PRO B 81 6.61 -14.49 -7.12
N GLY B 82 5.50 -15.08 -6.71
CA GLY B 82 4.37 -14.33 -6.17
C GLY B 82 3.58 -13.50 -7.17
N LEU B 83 3.62 -13.91 -8.44
CA LEU B 83 3.00 -13.13 -9.52
C LEU B 83 1.51 -12.87 -9.31
N LEU B 84 0.74 -13.93 -9.07
CA LEU B 84 -0.71 -13.82 -8.92
C LEU B 84 -1.11 -13.19 -7.60
N ALA B 85 -0.34 -13.47 -6.55
CA ALA B 85 -0.52 -12.81 -5.25
C ALA B 85 -0.30 -11.30 -5.39
N ALA B 86 0.71 -10.93 -6.17
CA ALA B 86 1.04 -9.53 -6.44
C ALA B 86 -0.05 -8.83 -7.26
N ARG B 87 -0.60 -9.55 -8.24
CA ARG B 87 -1.66 -9.02 -9.08
C ARG B 87 -2.94 -8.74 -8.29
N GLU B 88 -3.19 -9.53 -7.26
CA GLU B 88 -4.30 -9.31 -6.34
C GLU B 88 -4.10 -8.04 -5.51
N LEU B 89 -2.88 -7.87 -4.99
CA LEU B 89 -2.56 -6.73 -4.11
C LEU B 89 -2.40 -5.41 -4.87
N ALA B 90 -1.79 -5.47 -6.04
CA ALA B 90 -1.52 -4.27 -6.84
C ALA B 90 -2.74 -3.83 -7.65
N GLN B 91 -2.83 -2.53 -7.88
CA GLN B 91 -3.83 -1.97 -8.79
C GLN B 91 -3.28 -1.92 -10.22
N GLY B 92 -2.05 -1.45 -10.34
CA GLY B 92 -1.35 -1.43 -11.63
C GLY B 92 -0.95 -2.84 -12.06
N PRO B 93 -0.70 -3.03 -13.37
CA PRO B 93 -0.30 -4.35 -13.86
C PRO B 93 1.01 -4.83 -13.26
N VAL B 94 1.12 -6.15 -13.06
CA VAL B 94 2.34 -6.76 -12.57
C VAL B 94 2.81 -7.79 -13.59
N ILE B 95 4.04 -7.61 -14.08
CA ILE B 95 4.59 -8.47 -15.13
C ILE B 95 5.86 -9.16 -14.63
N GLY B 96 5.90 -10.48 -14.79
CA GLY B 96 7.08 -11.26 -14.47
C GLY B 96 8.05 -11.24 -15.63
N ILE B 97 9.34 -11.37 -15.34
CA ILE B 97 10.37 -11.31 -16.38
C ILE B 97 10.44 -12.59 -17.22
N ALA B 98 10.15 -13.74 -16.61
CA ALA B 98 10.06 -14.99 -17.36
C ALA B 98 8.85 -14.94 -18.29
N GLU B 99 7.73 -14.46 -17.73
CA GLU B 99 6.50 -14.25 -18.49
C GLU B 99 6.75 -13.36 -19.71
N ALA B 100 7.37 -12.20 -19.48
CA ALA B 100 7.61 -11.22 -20.54
C ALA B 100 8.58 -11.73 -21.61
N ALA B 101 9.66 -12.36 -21.17
CA ALA B 101 10.67 -12.90 -22.11
C ALA B 101 10.08 -14.00 -23.00
N MET B 102 9.28 -14.88 -22.41
CA MET B 102 8.62 -15.96 -23.15
C MET B 102 7.61 -15.41 -24.16
N HIS B 103 6.84 -14.40 -23.74
CA HIS B 103 5.87 -13.73 -24.61
C HIS B 103 6.55 -13.10 -25.83
N MET B 104 7.66 -12.41 -25.60
CA MET B 104 8.42 -11.77 -26.68
C MET B 104 9.02 -12.79 -27.65
N ALA B 105 9.48 -13.91 -27.10
CA ALA B 105 10.11 -14.98 -27.89
C ALA B 105 9.18 -15.56 -28.96
N THR B 106 7.91 -15.75 -28.59
CA THR B 106 6.91 -16.33 -29.51
C THR B 106 6.54 -15.36 -30.64
N MET B 107 6.91 -14.09 -30.48
CA MET B 107 6.61 -13.06 -31.47
C MET B 107 7.72 -12.91 -32.52
N VAL B 108 8.89 -13.48 -32.25
CA VAL B 108 10.05 -13.33 -33.15
C VAL B 108 10.66 -14.66 -33.61
N ALA B 109 10.13 -15.77 -33.10
CA ALA B 109 10.60 -17.11 -33.46
C ALA B 109 9.48 -18.13 -33.30
N THR B 110 9.58 -19.23 -34.05
CA THR B 110 8.64 -20.33 -33.90
C THR B 110 8.86 -21.06 -32.58
N ARG B 111 10.13 -21.31 -32.25
CA ARG B 111 10.52 -21.95 -30.99
C ARG B 111 11.74 -21.29 -30.36
N PHE B 112 11.80 -21.34 -29.03
CA PHE B 112 12.92 -20.77 -28.29
C PHE B 112 13.58 -21.76 -27.34
N SER B 113 14.82 -21.48 -26.97
CA SER B 113 15.53 -22.24 -25.94
C SER B 113 15.78 -21.36 -24.72
N ILE B 114 15.77 -21.98 -23.54
CA ILE B 114 16.06 -21.28 -22.30
C ILE B 114 17.46 -21.63 -21.79
N VAL B 115 18.23 -20.61 -21.45
CA VAL B 115 19.54 -20.80 -20.81
C VAL B 115 19.53 -20.14 -19.44
N THR B 116 19.63 -20.95 -18.39
CA THR B 116 19.54 -20.47 -17.01
C THR B 116 20.79 -20.84 -16.18
N THR B 117 20.72 -20.59 -14.87
CA THR B 117 21.88 -20.76 -13.97
C THR B 117 22.06 -22.19 -13.45
N LEU B 118 21.32 -22.55 -12.41
CA LEU B 118 21.45 -23.86 -11.76
C LEU B 118 20.45 -24.88 -12.30
N PRO B 119 20.88 -26.16 -12.41
CA PRO B 119 20.01 -27.27 -12.86
C PRO B 119 18.72 -27.44 -12.06
N ARG B 120 18.76 -27.14 -10.76
CA ARG B 120 17.58 -27.33 -9.89
C ARG B 120 16.46 -26.32 -10.16
N THR B 121 16.77 -25.26 -10.89
CA THR B 121 15.78 -24.23 -11.23
C THR B 121 15.05 -24.53 -12.55
N LEU B 122 15.53 -25.55 -13.26
CA LEU B 122 14.92 -25.95 -14.55
C LEU B 122 13.45 -26.36 -14.39
N ILE B 123 13.17 -27.10 -13.32
CA ILE B 123 11.80 -27.55 -13.02
C ILE B 123 10.83 -26.37 -12.80
N ILE B 124 11.35 -25.29 -12.22
CA ILE B 124 10.57 -24.06 -12.01
C ILE B 124 10.24 -23.42 -13.35
N ALA B 125 11.23 -23.39 -14.25
CA ALA B 125 11.02 -22.90 -15.62
C ALA B 125 10.05 -23.77 -16.39
N ARG B 126 10.15 -25.10 -16.20
CA ARG B 126 9.22 -26.06 -16.82
C ARG B 126 7.79 -25.81 -16.38
N HIS B 127 7.59 -25.57 -15.08
CA HIS B 127 6.29 -25.26 -14.52
C HIS B 127 5.69 -23.99 -15.12
N LEU B 128 6.53 -22.95 -15.23
CA LEU B 128 6.09 -21.67 -15.80
C LEU B 128 5.71 -21.80 -17.27
N LEU B 129 6.46 -22.60 -18.02
CA LEU B 129 6.14 -22.89 -19.42
C LEU B 129 4.74 -23.47 -19.56
N HIS B 130 4.41 -24.45 -18.72
CA HIS B 130 3.07 -25.06 -18.72
C HIS B 130 2.00 -24.09 -18.23
N GLN B 131 2.32 -23.33 -17.19
CA GLN B 131 1.40 -22.34 -16.61
C GLN B 131 1.04 -21.24 -17.60
N TYR B 132 2.06 -20.69 -18.27
CA TYR B 132 1.84 -19.61 -19.24
C TYR B 132 1.38 -20.12 -20.61
N GLY B 133 1.58 -21.42 -20.85
CA GLY B 133 1.12 -22.07 -22.07
C GLY B 133 2.09 -22.08 -23.23
N PHE B 134 3.39 -22.02 -22.91
CA PHE B 134 4.43 -21.97 -23.94
C PHE B 134 5.29 -23.24 -24.04
N HIS B 135 4.80 -24.34 -23.47
CA HIS B 135 5.55 -25.60 -23.45
C HIS B 135 5.92 -26.10 -24.85
N GLN B 136 4.97 -26.02 -25.78
N GLN B 136 4.97 -26.02 -25.78
CA GLN B 136 5.21 -26.43 -27.17
CA GLN B 136 5.20 -26.43 -27.17
C GLN B 136 6.15 -25.47 -27.90
C GLN B 136 6.01 -25.42 -27.99
N HIS B 137 6.22 -24.22 -27.42
CA HIS B 137 7.05 -23.19 -28.03
C HIS B 137 8.51 -23.24 -27.54
N CYS B 138 8.77 -24.01 -26.50
CA CYS B 138 10.13 -24.16 -25.98
C CYS B 138 10.78 -25.46 -26.45
N ALA B 139 11.83 -25.33 -27.26
CA ALA B 139 12.54 -26.47 -27.83
C ALA B 139 13.38 -27.21 -26.80
N ALA B 140 14.06 -26.46 -25.94
CA ALA B 140 14.93 -27.04 -24.91
C ALA B 140 15.20 -26.08 -23.75
N LEU B 141 15.57 -26.65 -22.60
CA LEU B 141 15.95 -25.88 -21.42
C LEU B 141 17.35 -26.30 -20.99
N HIS B 142 18.20 -25.32 -20.69
CA HIS B 142 19.59 -25.59 -20.33
C HIS B 142 20.04 -24.78 -19.12
N ALA B 143 20.95 -25.36 -18.34
CA ALA B 143 21.55 -24.67 -17.19
C ALA B 143 23.08 -24.70 -17.29
N ILE B 144 23.70 -23.58 -16.92
CA ILE B 144 25.17 -23.45 -17.00
C ILE B 144 25.90 -24.08 -15.81
N ASP B 145 25.14 -24.53 -14.82
CA ASP B 145 25.66 -25.18 -13.61
C ASP B 145 26.56 -24.27 -12.77
N LEU B 146 26.09 -23.05 -12.54
CA LEU B 146 26.76 -22.08 -11.66
C LEU B 146 25.73 -21.34 -10.81
N PRO B 147 26.11 -20.93 -9.58
CA PRO B 147 25.20 -20.16 -8.72
C PRO B 147 24.81 -18.83 -9.34
N VAL B 148 23.65 -18.30 -8.91
CA VAL B 148 23.12 -17.04 -9.46
C VAL B 148 24.05 -15.85 -9.19
N LEU B 149 24.63 -15.80 -8.00
CA LEU B 149 25.49 -14.69 -7.60
C LEU B 149 26.86 -14.67 -8.30
N ALA B 150 27.13 -15.67 -9.12
CA ALA B 150 28.35 -15.71 -9.93
C ALA B 150 28.30 -14.70 -11.08
N LEU B 151 27.10 -14.22 -11.40
CA LEU B 151 26.89 -13.19 -12.41
C LEU B 151 27.31 -11.81 -11.91
N GLU B 152 27.47 -11.68 -10.59
CA GLU B 152 27.79 -10.39 -9.96
C GLU B 152 29.15 -10.39 -9.24
N ASP B 153 29.90 -11.48 -9.35
CA ASP B 153 31.17 -11.62 -8.64
C ASP B 153 32.33 -10.79 -9.22
N GLY B 154 32.20 -10.46 -10.51
CA GLY B 154 33.21 -9.65 -11.20
C GLY B 154 34.16 -10.43 -12.10
N SER B 155 34.13 -11.75 -11.97
CA SER B 155 35.03 -12.63 -12.74
C SER B 155 34.62 -12.73 -14.21
N GLY B 156 33.32 -12.73 -14.46
CA GLY B 156 32.78 -12.82 -15.82
C GLY B 156 32.75 -14.23 -16.39
N LEU B 157 32.91 -15.21 -15.51
CA LEU B 157 32.93 -16.62 -15.90
C LEU B 157 31.54 -17.11 -16.34
N ALA B 158 30.53 -16.74 -15.55
CA ALA B 158 29.13 -17.12 -15.85
C ALA B 158 28.65 -16.50 -17.16
N GLN B 159 29.08 -15.26 -17.41
CA GLN B 159 28.74 -14.52 -18.63
C GLN B 159 29.23 -15.24 -19.89
N GLU B 160 30.45 -15.78 -19.82
CA GLU B 160 31.04 -16.49 -20.96
C GLU B 160 30.43 -17.88 -21.17
N LYS B 161 30.06 -18.53 -20.07
CA LYS B 161 29.41 -19.85 -20.15
C LYS B 161 28.01 -19.79 -20.73
N VAL B 162 27.29 -18.70 -20.43
CA VAL B 162 25.98 -18.45 -21.03
C VAL B 162 26.12 -18.27 -22.54
N ARG B 163 27.12 -17.47 -22.94
CA ARG B 163 27.44 -17.23 -24.35
C ARG B 163 27.70 -18.54 -25.08
N GLU B 164 28.57 -19.38 -24.52
CA GLU B 164 28.94 -20.67 -25.12
C GLU B 164 27.76 -21.64 -25.20
N ARG B 165 26.90 -21.61 -24.19
CA ARG B 165 25.69 -22.43 -24.18
C ARG B 165 24.62 -21.94 -25.17
N CYS B 166 24.61 -20.63 -25.42
CA CYS B 166 23.72 -20.04 -26.43
C CYS B 166 24.09 -20.49 -27.84
N ILE B 167 25.39 -20.49 -28.14
CA ILE B 167 25.91 -20.93 -29.44
C ILE B 167 25.56 -22.40 -29.68
N ARG B 168 25.76 -23.23 -28.65
CA ARG B 168 25.46 -24.66 -28.73
C ARG B 168 23.96 -24.91 -28.91
N ALA B 169 23.14 -24.12 -28.23
CA ALA B 169 21.67 -24.22 -28.33
C ALA B 169 21.18 -24.00 -29.75
N LEU B 170 21.69 -22.95 -30.40
CA LEU B 170 21.28 -22.59 -31.76
C LEU B 170 21.68 -23.65 -32.79
N LYS B 171 22.77 -24.35 -32.51
CA LYS B 171 23.25 -25.42 -33.39
C LYS B 171 22.43 -26.71 -33.23
N GLU B 172 22.02 -27.00 -32.00
CA GLU B 172 21.46 -28.32 -31.67
C GLU B 172 19.94 -28.37 -31.47
N ASP B 173 19.38 -27.35 -30.82
CA ASP B 173 17.99 -27.42 -30.32
C ASP B 173 16.90 -27.33 -31.38
N GLY B 174 17.20 -26.70 -32.52
CA GLY B 174 16.19 -26.44 -33.54
C GLY B 174 15.28 -25.30 -33.13
N SER B 175 15.87 -24.27 -32.53
CA SER B 175 15.14 -23.08 -32.09
C SER B 175 15.68 -21.84 -32.80
N GLY B 176 14.90 -20.76 -32.77
CA GLY B 176 15.26 -19.52 -33.46
C GLY B 176 15.60 -18.36 -32.53
N ALA B 177 15.30 -18.50 -31.25
CA ALA B 177 15.56 -17.46 -30.27
C ALA B 177 16.03 -18.03 -28.93
N ILE B 178 16.66 -17.19 -28.13
CA ILE B 178 17.13 -17.58 -26.80
C ILE B 178 16.48 -16.70 -25.73
N VAL B 179 15.97 -17.36 -24.68
CA VAL B 179 15.48 -16.65 -23.50
C VAL B 179 16.48 -16.85 -22.36
N LEU B 180 17.05 -15.75 -21.88
CA LEU B 180 17.98 -15.79 -20.76
C LEU B 180 17.21 -16.00 -19.46
N GLY B 181 17.61 -17.03 -18.71
CA GLY B 181 16.88 -17.47 -17.53
C GLY B 181 17.32 -16.88 -16.20
N SER B 182 17.66 -15.59 -16.20
CA SER B 182 18.06 -14.88 -14.98
C SER B 182 17.90 -13.37 -15.14
N GLY B 183 17.68 -12.69 -14.02
CA GLY B 183 17.62 -11.24 -14.00
C GLY B 183 18.99 -10.59 -14.12
N GLY B 184 20.03 -11.34 -13.76
CA GLY B 184 21.40 -10.86 -13.80
C GLY B 184 22.05 -10.89 -15.17
N MET B 185 21.45 -11.63 -16.10
CA MET B 185 21.93 -11.74 -17.47
C MET B 185 21.43 -10.60 -18.35
N ALA B 186 20.73 -9.65 -17.72
CA ALA B 186 20.07 -8.54 -18.42
C ALA B 186 20.97 -7.75 -19.37
N THR B 187 22.25 -7.63 -19.03
CA THR B 187 23.21 -6.87 -19.82
C THR B 187 23.74 -7.64 -21.03
N LEU B 188 23.72 -8.97 -20.93
CA LEU B 188 24.25 -9.87 -21.96
C LEU B 188 23.37 -9.96 -23.21
N ALA B 189 22.09 -9.69 -23.05
CA ALA B 189 21.08 -9.88 -24.11
C ALA B 189 21.37 -9.10 -25.40
N GLN B 190 21.71 -7.83 -25.25
N GLN B 190 21.72 -7.83 -25.25
CA GLN B 190 21.99 -6.96 -26.41
CA GLN B 190 22.00 -6.94 -26.38
C GLN B 190 23.26 -7.38 -27.16
C GLN B 190 23.25 -7.37 -27.16
N GLN B 191 24.30 -7.76 -26.43
CA GLN B 191 25.57 -8.18 -27.02
C GLN B 191 25.43 -9.50 -27.79
N LEU B 192 24.70 -10.44 -27.21
CA LEU B 192 24.49 -11.76 -27.83
C LEU B 192 23.54 -11.72 -29.02
N THR B 193 22.58 -10.80 -28.98
CA THR B 193 21.65 -10.60 -30.09
C THR B 193 22.40 -10.15 -31.36
N ARG B 194 23.31 -9.19 -31.20
CA ARG B 194 24.10 -8.67 -32.31
C ARG B 194 25.15 -9.67 -32.79
N GLU B 195 25.76 -10.37 -31.84
CA GLU B 195 26.85 -11.32 -32.13
C GLU B 195 26.36 -12.59 -32.82
N LEU B 196 25.27 -13.16 -32.32
CA LEU B 196 24.75 -14.44 -32.83
C LEU B 196 23.71 -14.26 -33.93
N ARG B 197 23.30 -13.02 -34.16
CA ARG B 197 22.32 -12.67 -35.21
C ARG B 197 20.95 -13.34 -35.00
N VAL B 198 20.58 -13.55 -33.75
CA VAL B 198 19.27 -14.08 -33.36
C VAL B 198 18.75 -13.29 -32.16
N PRO B 199 17.41 -13.29 -31.94
CA PRO B 199 16.89 -12.66 -30.73
C PRO B 199 17.34 -13.39 -29.47
N VAL B 200 18.12 -12.68 -28.64
CA VAL B 200 18.48 -13.14 -27.30
C VAL B 200 17.81 -12.20 -26.32
N ILE B 201 16.85 -12.72 -25.57
CA ILE B 201 15.87 -11.89 -24.87
C ILE B 201 16.10 -11.82 -23.36
N ASP B 202 16.19 -10.58 -22.86
CA ASP B 202 16.18 -10.31 -21.43
C ASP B 202 14.76 -9.97 -21.00
N GLY B 203 14.30 -10.64 -19.94
CA GLY B 203 12.94 -10.45 -19.42
C GLY B 203 12.72 -9.14 -18.69
N VAL B 204 13.79 -8.60 -18.09
CA VAL B 204 13.72 -7.33 -17.38
C VAL B 204 13.28 -6.21 -18.33
N SER B 205 14.02 -6.05 -19.42
CA SER B 205 13.73 -5.05 -20.44
C SER B 205 12.36 -5.30 -21.10
N ALA B 206 12.05 -6.57 -21.35
CA ALA B 206 10.76 -6.96 -21.94
C ALA B 206 9.57 -6.60 -21.06
N ALA B 207 9.69 -6.86 -19.75
CA ALA B 207 8.62 -6.60 -18.80
C ALA B 207 8.31 -5.10 -18.66
N VAL B 208 9.35 -4.28 -18.72
CA VAL B 208 9.21 -2.82 -18.68
C VAL B 208 8.35 -2.34 -19.86
N LYS B 209 8.65 -2.87 -21.05
CA LYS B 209 7.90 -2.52 -22.25
C LYS B 209 6.46 -3.02 -22.20
N MET B 210 6.24 -4.15 -21.54
CA MET B 210 4.89 -4.70 -21.36
C MET B 210 4.04 -3.83 -20.43
N VAL B 211 4.64 -3.38 -19.33
CA VAL B 211 3.97 -2.47 -18.40
C VAL B 211 3.64 -1.15 -19.09
N GLU B 212 4.63 -0.58 -19.78
CA GLU B 212 4.45 0.64 -20.55
C GLU B 212 3.31 0.52 -21.56
N SER B 213 3.27 -0.60 -22.26
CA SER B 213 2.24 -0.88 -23.25
C SER B 213 0.84 -0.94 -22.63
N LEU B 214 0.72 -1.67 -21.54
CA LEU B 214 -0.56 -1.81 -20.83
C LEU B 214 -1.07 -0.48 -20.29
N VAL B 215 -0.18 0.33 -19.73
CA VAL B 215 -0.52 1.64 -19.20
C VAL B 215 -0.98 2.57 -20.33
N ALA B 216 -0.29 2.51 -21.47
CA ALA B 216 -0.65 3.31 -22.65
C ALA B 216 -1.97 2.86 -23.26
N LEU B 217 -2.28 1.58 -23.14
CA LEU B 217 -3.55 1.02 -23.63
C LEU B 217 -4.72 1.28 -22.68
N GLY B 218 -4.41 1.79 -21.49
CA GLY B 218 -5.40 2.05 -20.46
C GLY B 218 -5.86 0.77 -19.78
N LEU B 219 -4.97 -0.22 -19.71
CA LEU B 219 -5.30 -1.53 -19.17
C LEU B 219 -4.55 -1.83 -17.87
N ALA B 220 -5.29 -2.32 -16.88
CA ALA B 220 -4.72 -2.74 -15.61
C ALA B 220 -5.32 -4.10 -15.22
N THR B 221 -4.76 -4.71 -14.18
CA THR B 221 -5.24 -6.00 -13.68
C THR B 221 -6.75 -5.98 -13.42
N SER B 222 -7.44 -7.00 -13.91
CA SER B 222 -8.87 -7.16 -13.68
C SER B 222 -9.16 -7.38 -12.21
N LYS B 223 -10.06 -6.57 -11.66
CA LYS B 223 -10.49 -6.72 -10.27
C LYS B 223 -11.83 -7.43 -10.16
N HIS B 224 -12.29 -7.99 -11.28
CA HIS B 224 -13.49 -8.82 -11.30
C HIS B 224 -13.10 -10.28 -11.17
N GLY B 225 -13.30 -10.84 -9.98
CA GLY B 225 -13.12 -12.27 -9.74
C GLY B 225 -11.78 -12.70 -9.18
N ASP B 226 -11.05 -13.46 -9.99
CA ASP B 226 -9.85 -14.19 -9.55
C ASP B 226 -8.72 -13.30 -9.01
N LEU B 227 -8.54 -12.12 -9.59
CA LEU B 227 -7.45 -11.24 -9.20
C LEU B 227 -7.95 -9.98 -8.52
N ALA B 228 -9.13 -10.08 -7.90
CA ALA B 228 -9.66 -9.02 -7.06
C ALA B 228 -8.75 -8.81 -5.85
N PHE B 229 -8.84 -7.63 -5.25
CA PHE B 229 -8.11 -7.35 -4.01
C PHE B 229 -8.42 -8.41 -2.96
N PRO B 230 -7.44 -8.75 -2.11
CA PRO B 230 -7.62 -9.78 -1.08
C PRO B 230 -8.87 -9.51 -0.24
N GLU B 231 -9.53 -10.59 0.20
CA GLU B 231 -10.73 -10.47 1.02
C GLU B 231 -10.44 -9.74 2.32
N LYS B 232 -11.39 -8.91 2.76
CA LYS B 232 -11.24 -8.09 3.96
C LYS B 232 -11.06 -8.97 5.20
N LYS B 233 -9.82 -9.01 5.70
CA LYS B 233 -9.43 -9.97 6.73
C LYS B 233 -8.32 -9.39 7.61
N ALA B 234 -8.47 -9.59 8.92
CA ALA B 234 -7.46 -9.12 9.87
C ALA B 234 -6.25 -10.04 9.87
N LEU B 235 -5.12 -9.52 9.42
CA LEU B 235 -3.87 -10.28 9.36
C LEU B 235 -3.08 -10.12 10.67
N SER B 236 -2.57 -11.24 11.19
CA SER B 236 -1.87 -11.25 12.46
C SER B 236 -0.35 -11.14 12.31
N GLY B 237 0.31 -10.65 13.36
CA GLY B 237 1.75 -10.54 13.39
C GLY B 237 2.30 -9.51 12.42
N GLN B 238 3.35 -9.90 11.70
CA GLN B 238 4.05 -9.02 10.78
C GLN B 238 3.40 -8.95 9.40
N PHE B 239 2.42 -9.82 9.16
CA PHE B 239 1.80 -9.92 7.83
C PHE B 239 0.77 -8.84 7.52
N GLN B 240 0.27 -8.16 8.55
CA GLN B 240 -0.69 -7.07 8.35
C GLN B 240 -0.07 -5.93 7.53
N SER B 241 1.24 -5.72 7.70
CA SER B 241 1.99 -4.71 6.97
C SER B 241 2.00 -4.95 5.45
N LEU B 242 1.68 -6.17 5.02
CA LEU B 242 1.62 -6.50 3.59
C LEU B 242 0.37 -5.94 2.92
N ASN B 243 -0.72 -5.84 3.68
CA ASN B 243 -1.97 -5.29 3.16
C ASN B 243 -2.61 -4.28 4.11
N PRO B 244 -2.12 -3.02 4.09
CA PRO B 244 -2.71 -1.95 4.88
C PRO B 244 -3.85 -1.23 4.15
N PHE B 245 -4.24 -1.75 3.00
CA PHE B 245 -5.24 -1.09 2.14
C PHE B 245 -6.66 -1.53 2.45
#